data_6CXM
#
_entry.id   6CXM
#
_cell.length_a   63.250
_cell.length_b   40.300
_cell.length_c   67.220
_cell.angle_alpha   90.000
_cell.angle_beta   93.860
_cell.angle_gamma   90.000
#
_symmetry.space_group_name_H-M   'P 1 21 1'
#
loop_
_entity.id
_entity.type
_entity.pdbx_description
1 polymer 'Dihydrofolate reductase'
2 non-polymer 'NADP NICOTINAMIDE-ADENINE-DINUCLEOTIDE PHOSPHATE'
3 non-polymer '3-(2-{3-[(2,4-diamino-6-ethylpyrimidin-5-yl)oxy]propoxy}phenyl)propanoic acid'
4 water water
#
_entity_poly.entity_id   1
_entity_poly.type   'polypeptide(L)'
_entity_poly.pdbx_seq_one_letter_code
;MAHHHHHHMSMRLIWAQSTSGIIGRDNSIPWRLPEDLARFKEMTMGHPVVMGRLTWESLPASVRPLPGRRNIVVTRDADY
RAEGAEVVTDLPDEPDAWVIGGAQIYAMALARADRCEVTEVDIALTPLDGDARAPVLDDSWVATTGEWQTSTSGLRFRFC
SYRR
;
_entity_poly.pdbx_strand_id   A,B
#
# COMPACT_ATOMS: atom_id res chain seq x y z
N SER A 10 -17.46 -2.33 10.55
CA SER A 10 -17.41 -2.11 12.00
C SER A 10 -16.28 -1.17 12.44
N MET A 11 -15.19 -1.12 11.69
CA MET A 11 -14.07 -0.28 12.11
C MET A 11 -14.26 1.17 11.69
N ARG A 12 -13.69 2.09 12.47
CA ARG A 12 -13.72 3.51 12.16
C ARG A 12 -12.31 4.09 12.25
N LEU A 13 -11.99 4.96 11.30
CA LEU A 13 -10.62 5.45 11.09
C LEU A 13 -10.58 6.97 11.18
N ILE A 14 -9.42 7.51 11.54
CA ILE A 14 -9.20 8.95 11.63
C ILE A 14 -7.77 9.26 11.18
N TRP A 15 -7.61 10.27 10.32
CA TRP A 15 -6.28 10.67 9.86
C TRP A 15 -6.32 12.10 9.32
N ALA A 16 -5.12 12.66 9.16
CA ALA A 16 -4.90 13.94 8.48
C ALA A 16 -4.02 13.70 7.26
N GLN A 17 -4.24 14.49 6.21
CA GLN A 17 -3.56 14.25 4.96
C GLN A 17 -3.41 15.56 4.20
N SER A 18 -2.30 15.66 3.46
CA SER A 18 -2.19 16.67 2.42
C SER A 18 -3.39 16.54 1.49
N THR A 19 -3.72 17.61 0.77
CA THR A 19 -4.73 17.40 -0.26
C THR A 19 -4.20 16.54 -1.40
N SER A 20 -2.90 16.22 -1.38
CA SER A 20 -2.25 15.37 -2.37
C SER A 20 -2.17 13.92 -1.92
N GLY A 21 -2.57 13.61 -0.68
CA GLY A 21 -2.73 12.23 -0.25
C GLY A 21 -1.72 11.75 0.78
N ILE A 22 -0.87 12.62 1.29
CA ILE A 22 0.29 12.23 2.09
C ILE A 22 -0.06 12.34 3.58
N ILE A 23 0.09 11.23 4.31
CA ILE A 23 -0.11 11.24 5.75
C ILE A 23 1.20 11.20 6.53
N GLY A 24 2.30 10.78 5.89
CA GLY A 24 3.56 10.64 6.59
C GLY A 24 4.78 10.63 5.69
N ARG A 25 5.85 11.26 6.15
CA ARG A 25 7.15 11.27 5.49
C ARG A 25 8.22 11.16 6.57
N ASP A 26 9.24 10.34 6.32
CA ASP A 26 10.33 10.12 7.28
C ASP A 26 9.79 9.71 8.65
N ASN A 27 8.78 8.83 8.63
CA ASN A 27 8.16 8.29 9.84
C ASN A 27 7.72 9.41 10.79
N SER A 28 7.26 10.51 10.21
CA SER A 28 6.61 11.56 10.99
C SER A 28 5.62 12.25 10.05
N ILE A 29 4.90 13.22 10.59
CA ILE A 29 3.89 13.95 9.83
C ILE A 29 4.53 15.27 9.39
N PRO A 30 4.47 15.61 8.10
CA PRO A 30 5.19 16.79 7.59
C PRO A 30 4.36 18.07 7.64
N TRP A 31 3.90 18.43 8.84
CA TRP A 31 3.23 19.70 9.14
C TRP A 31 2.87 19.68 10.62
N ARG A 32 2.72 20.87 11.20
CA ARG A 32 2.20 21.05 12.54
C ARG A 32 0.89 21.82 12.45
N LEU A 33 -0.17 21.27 13.04
CA LEU A 33 -1.53 21.84 12.91
C LEU A 33 -2.26 21.78 14.24
N PRO A 34 -2.19 22.85 15.04
CA PRO A 34 -2.76 22.80 16.41
C PRO A 34 -4.23 22.44 16.46
N GLU A 35 -5.00 22.77 15.42
CA GLU A 35 -6.42 22.45 15.41
C GLU A 35 -6.66 20.96 15.18
N ASP A 36 -5.88 20.35 14.29
CA ASP A 36 -6.07 18.92 14.04
C ASP A 36 -5.65 18.10 15.25
N LEU A 37 -4.60 18.53 15.96
CA LEU A 37 -4.25 17.84 17.20
C LEU A 37 -5.40 17.93 18.20
N ALA A 38 -6.04 19.09 18.29
CA ALA A 38 -7.17 19.25 19.20
C ALA A 38 -8.32 18.34 18.81
N ARG A 39 -8.67 18.32 17.52
CA ARG A 39 -9.80 17.50 17.09
C ARG A 39 -9.52 16.02 17.26
N PHE A 40 -8.33 15.57 16.84
CA PHE A 40 -7.99 14.17 17.02
C PHE A 40 -8.09 13.74 18.48
N LYS A 41 -7.69 14.63 19.38
CA LYS A 41 -7.68 14.31 20.82
C LYS A 41 -9.09 14.21 21.38
N GLU A 42 -10.01 15.06 20.92
CA GLU A 42 -11.39 15.00 21.39
C GLU A 42 -12.15 13.81 20.79
N MET A 43 -11.77 13.38 19.58
CA MET A 43 -12.47 12.25 18.98
C MET A 43 -12.06 10.92 19.64
N THR A 44 -10.81 10.79 20.03
CA THR A 44 -10.30 9.51 20.51
C THR A 44 -10.24 9.38 22.02
N MET A 45 -10.31 10.49 22.76
CA MET A 45 -10.18 10.41 24.22
C MET A 45 -11.30 9.56 24.81
N GLY A 46 -10.93 8.69 25.76
CA GLY A 46 -11.86 7.75 26.34
C GLY A 46 -12.17 6.55 25.49
N HIS A 47 -11.35 6.26 24.49
CA HIS A 47 -11.58 5.14 23.59
C HIS A 47 -10.25 4.43 23.35
N PRO A 48 -10.29 3.16 22.98
CA PRO A 48 -9.04 2.50 22.58
C PRO A 48 -8.55 3.07 21.27
N VAL A 49 -7.23 3.20 21.13
CA VAL A 49 -6.63 3.67 19.90
C VAL A 49 -5.73 2.56 19.36
N VAL A 50 -6.01 2.13 18.14
CA VAL A 50 -5.32 1.02 17.50
C VAL A 50 -4.35 1.59 16.47
N MET A 51 -3.08 1.24 16.58
CA MET A 51 -2.07 1.78 15.68
C MET A 51 -1.07 0.70 15.30
N GLY A 52 -0.32 0.97 14.23
CA GLY A 52 0.75 0.08 13.80
C GLY A 52 2.06 0.40 14.49
N ARG A 53 3.04 -0.47 14.27
CA ARG A 53 4.26 -0.40 15.08
C ARG A 53 5.07 0.86 14.77
N LEU A 54 5.11 1.27 13.51
CA LEU A 54 5.90 2.45 13.15
C LEU A 54 5.23 3.75 13.58
N THR A 55 3.89 3.80 13.63
CA THR A 55 3.23 4.97 14.21
C THR A 55 3.56 5.08 15.69
N TRP A 56 3.54 3.95 16.41
CA TRP A 56 3.93 3.91 17.82
C TRP A 56 5.28 4.61 18.06
N GLU A 57 6.32 4.22 17.30
CA GLU A 57 7.64 4.81 17.51
C GLU A 57 7.80 6.17 16.86
N SER A 58 6.82 6.60 16.07
CA SER A 58 6.82 7.97 15.58
C SER A 58 6.28 8.97 16.60
N LEU A 59 5.70 8.47 17.69
CA LEU A 59 5.18 9.34 18.71
C LEU A 59 6.30 10.16 19.33
N PRO A 60 6.04 11.42 19.67
CA PRO A 60 6.96 12.14 20.56
C PRO A 60 7.01 11.42 21.91
N ALA A 61 8.21 11.35 22.49
CA ALA A 61 8.39 10.56 23.69
C ALA A 61 7.40 10.97 24.79
N SER A 62 7.16 12.28 24.91
CA SER A 62 6.28 12.80 25.97
C SER A 62 4.87 12.23 25.87
N VAL A 63 4.43 11.89 24.67
CA VAL A 63 3.08 11.42 24.46
C VAL A 63 3.04 9.94 24.06
N ARG A 64 4.08 9.17 24.45
CA ARG A 64 4.10 7.73 24.23
C ARG A 64 3.99 7.01 25.57
N PRO A 65 2.86 6.37 25.89
CA PRO A 65 1.64 6.23 25.09
C PRO A 65 0.75 7.47 25.17
N LEU A 66 -0.23 7.56 24.28
CA LEU A 66 -1.12 8.70 24.28
C LEU A 66 -1.98 8.69 25.55
N PRO A 67 -2.12 9.82 26.24
CA PRO A 67 -2.76 9.80 27.55
C PRO A 67 -4.28 9.68 27.43
N GLY A 68 -4.86 8.99 28.41
CA GLY A 68 -6.30 8.87 28.53
C GLY A 68 -6.96 7.89 27.59
N ARG A 69 -6.18 7.06 26.89
CA ARG A 69 -6.72 6.10 25.95
C ARG A 69 -5.94 4.80 26.06
N ARG A 70 -6.64 3.70 25.81
CA ARG A 70 -5.98 2.40 25.73
C ARG A 70 -5.21 2.30 24.42
N ASN A 71 -3.90 2.11 24.51
CA ASN A 71 -3.03 2.09 23.34
C ASN A 71 -2.75 0.65 22.92
N ILE A 72 -3.00 0.36 21.65
CA ILE A 72 -2.85 -0.99 21.10
C ILE A 72 -1.92 -0.90 19.90
N VAL A 73 -0.85 -1.67 19.91
CA VAL A 73 0.17 -1.65 18.86
C VAL A 73 0.13 -2.95 18.10
N VAL A 74 -0.03 -2.86 16.78
CA VAL A 74 0.02 -4.04 15.91
C VAL A 74 1.47 -4.23 15.42
N THR A 75 1.99 -5.44 15.58
CA THR A 75 3.35 -5.79 15.15
C THR A 75 3.41 -7.29 14.89
N ARG A 76 4.37 -7.70 14.04
CA ARG A 76 4.58 -9.12 13.78
C ARG A 76 5.28 -9.83 14.93
N ASP A 77 6.00 -9.10 15.78
CA ASP A 77 6.73 -9.66 16.91
C ASP A 77 5.85 -9.57 18.15
N ALA A 78 5.39 -10.70 18.67
CA ALA A 78 4.53 -10.68 19.85
C ALA A 78 5.30 -10.30 21.11
N ASP A 79 6.60 -10.58 21.16
CA ASP A 79 7.46 -10.24 22.30
C ASP A 79 7.98 -8.80 22.24
N TYR A 80 7.44 -8.00 21.32
CA TYR A 80 7.86 -6.63 21.11
C TYR A 80 7.62 -5.81 22.37
N ARG A 81 8.50 -4.83 22.60
CA ARG A 81 8.45 -4.04 23.82
C ARG A 81 7.79 -2.70 23.50
N ALA A 82 6.60 -2.46 24.09
CA ALA A 82 5.87 -1.20 23.94
C ALA A 82 5.38 -0.82 25.34
N GLU A 83 6.18 -0.03 26.06
CA GLU A 83 5.93 0.28 27.46
C GLU A 83 4.62 1.06 27.60
N GLY A 84 3.65 0.47 28.29
CA GLY A 84 2.38 1.13 28.52
C GLY A 84 1.37 0.98 27.41
N ALA A 85 1.58 0.05 26.49
CA ALA A 85 0.64 -0.26 25.43
C ALA A 85 0.47 -1.78 25.35
N GLU A 86 -0.67 -2.19 24.82
CA GLU A 86 -0.90 -3.60 24.53
C GLU A 86 -0.33 -3.91 23.16
N VAL A 87 0.27 -5.08 23.04
CA VAL A 87 0.83 -5.55 21.79
C VAL A 87 0.00 -6.71 21.29
N VAL A 88 -0.40 -6.65 20.01
CA VAL A 88 -1.20 -7.67 19.36
C VAL A 88 -0.56 -7.98 18.02
N THR A 89 -0.90 -9.15 17.46
CA THR A 89 -0.30 -9.58 16.19
C THR A 89 -1.23 -9.50 14.99
N ASP A 90 -2.50 -9.11 15.18
CA ASP A 90 -3.40 -8.87 14.08
C ASP A 90 -4.26 -7.65 14.42
N LEU A 91 -5.05 -7.21 13.45
CA LEU A 91 -5.95 -6.10 13.69
C LEU A 91 -7.02 -6.53 14.68
N PRO A 92 -7.16 -5.87 15.82
CA PRO A 92 -8.15 -6.31 16.81
C PRO A 92 -9.55 -5.88 16.41
N ASP A 93 -10.52 -6.62 16.93
CA ASP A 93 -11.93 -6.28 16.73
C ASP A 93 -12.48 -5.58 17.98
N GLU A 94 -11.89 -4.43 18.29
CA GLU A 94 -12.25 -3.69 19.49
C GLU A 94 -13.48 -2.84 19.23
N PRO A 95 -14.52 -2.93 20.07
CA PRO A 95 -15.82 -2.35 19.70
C PRO A 95 -15.84 -0.83 19.61
N ASP A 96 -15.03 -0.13 20.39
CA ASP A 96 -14.97 1.33 20.38
C ASP A 96 -13.60 1.85 19.99
N ALA A 97 -12.77 1.04 19.35
CA ALA A 97 -11.44 1.48 19.01
C ALA A 97 -11.52 2.52 17.90
N TRP A 98 -10.51 3.38 17.85
CA TRP A 98 -10.23 4.20 16.70
C TRP A 98 -8.96 3.70 16.04
N VAL A 99 -8.98 3.58 14.72
CA VAL A 99 -7.80 3.19 13.97
C VAL A 99 -7.06 4.48 13.62
N ILE A 100 -5.88 4.66 14.21
CA ILE A 100 -5.18 5.94 14.13
C ILE A 100 -3.94 5.87 13.23
N GLY A 101 -3.78 4.79 12.45
CA GLY A 101 -2.68 4.70 11.51
C GLY A 101 -1.71 3.60 11.87
N GLY A 102 -0.70 3.44 11.02
CA GLY A 102 -0.48 4.31 9.89
C GLY A 102 -0.96 3.82 8.54
N ALA A 103 -0.11 4.02 7.52
CA ALA A 103 -0.52 3.77 6.14
C ALA A 103 -0.79 2.29 5.87
N GLN A 104 0.00 1.41 6.49
CA GLN A 104 -0.26 -0.03 6.34
C GLN A 104 -1.57 -0.43 7.01
N ILE A 105 -1.81 0.06 8.23
CA ILE A 105 -2.98 -0.32 9.01
C ILE A 105 -4.26 0.19 8.34
N TYR A 106 -4.20 1.38 7.73
CA TYR A 106 -5.38 1.88 7.03
C TYR A 106 -5.75 0.98 5.86
N ALA A 107 -4.77 0.55 5.07
CA ALA A 107 -5.02 -0.33 3.94
C ALA A 107 -5.62 -1.65 4.40
N MET A 108 -5.14 -2.18 5.52
CA MET A 108 -5.69 -3.41 6.04
C MET A 108 -7.13 -3.21 6.52
N ALA A 109 -7.41 -2.06 7.16
CA ALA A 109 -8.72 -1.83 7.77
C ALA A 109 -9.78 -1.34 6.80
N LEU A 110 -9.39 -0.69 5.70
CA LEU A 110 -10.35 0.03 4.85
C LEU A 110 -11.55 -0.84 4.46
N ALA A 111 -11.28 -2.07 4.04
CA ALA A 111 -12.36 -2.94 3.59
C ALA A 111 -13.38 -3.21 4.70
N ARG A 112 -12.93 -3.23 5.95
CA ARG A 112 -13.79 -3.55 7.08
C ARG A 112 -14.31 -2.31 7.80
N ALA A 113 -14.26 -1.15 7.16
CA ALA A 113 -14.56 0.14 7.80
C ALA A 113 -15.86 0.75 7.27
N ASP A 114 -16.64 1.36 8.17
CA ASP A 114 -17.83 2.10 7.76
C ASP A 114 -17.78 3.59 8.09
N ARG A 115 -16.70 4.08 8.69
CA ARG A 115 -16.58 5.48 9.05
C ARG A 115 -15.15 5.96 8.87
N CYS A 116 -15.00 7.19 8.35
CA CYS A 116 -13.69 7.82 8.17
C CYS A 116 -13.78 9.30 8.52
N GLU A 117 -12.94 9.76 9.44
CA GLU A 117 -12.88 11.16 9.83
C GLU A 117 -11.53 11.71 9.39
N VAL A 118 -11.56 12.60 8.39
CA VAL A 118 -10.40 13.03 7.63
C VAL A 118 -10.15 14.51 7.85
N THR A 119 -8.89 14.87 8.09
CA THR A 119 -8.44 16.25 8.03
C THR A 119 -7.66 16.42 6.73
N GLU A 120 -7.95 17.51 6.01
CA GLU A 120 -7.25 17.84 4.77
C GLU A 120 -6.43 19.10 4.96
N VAL A 121 -5.20 19.09 4.45
CA VAL A 121 -4.26 20.20 4.61
C VAL A 121 -3.83 20.69 3.23
N ASP A 122 -4.03 21.99 2.96
CA ASP A 122 -3.68 22.58 1.66
C ASP A 122 -2.23 23.05 1.76
N ILE A 123 -1.31 22.14 1.45
CA ILE A 123 0.10 22.34 1.70
C ILE A 123 0.90 21.98 0.45
N ALA A 124 2.02 22.68 0.26
CA ALA A 124 2.98 22.35 -0.79
C ALA A 124 3.66 21.03 -0.44
N LEU A 125 3.05 19.92 -0.85
CA LEU A 125 3.57 18.59 -0.60
C LEU A 125 3.33 17.76 -1.86
N THR A 126 4.42 17.39 -2.52
CA THR A 126 4.45 16.65 -3.78
C THR A 126 4.93 15.22 -3.55
N PRO A 127 4.30 14.21 -4.15
CA PRO A 127 4.57 12.83 -3.73
C PRO A 127 6.02 12.42 -3.96
N LEU A 128 6.56 11.70 -2.97
CA LEU A 128 7.94 11.23 -3.03
C LEU A 128 7.96 9.73 -2.78
N ASP A 129 8.92 9.06 -3.42
CA ASP A 129 9.20 7.65 -3.21
C ASP A 129 9.36 7.33 -1.73
N GLY A 130 8.45 6.54 -1.16
CA GLY A 130 8.53 6.15 0.23
C GLY A 130 7.53 6.80 1.17
N ASP A 131 6.77 7.79 0.70
CA ASP A 131 5.78 8.44 1.55
C ASP A 131 4.70 7.46 2.00
N ALA A 132 4.10 7.76 3.15
CA ALA A 132 2.91 7.06 3.59
C ALA A 132 1.69 7.84 3.09
N ARG A 133 0.74 7.13 2.49
CA ARG A 133 -0.36 7.73 1.75
C ARG A 133 -1.69 7.31 2.36
N ALA A 134 -2.66 8.23 2.36
CA ALA A 134 -3.99 7.90 2.85
C ALA A 134 -4.66 6.91 1.90
N PRO A 135 -5.67 6.18 2.39
CA PRO A 135 -6.46 5.32 1.50
C PRO A 135 -7.31 6.11 0.50
N VAL A 136 -7.70 5.43 -0.56
CA VAL A 136 -8.53 6.03 -1.60
C VAL A 136 -10.00 5.75 -1.26
N LEU A 137 -10.76 6.81 -1.03
CA LEU A 137 -12.18 6.72 -0.70
C LEU A 137 -12.97 6.92 -1.97
N ASP A 138 -13.82 5.94 -2.31
CA ASP A 138 -14.51 5.90 -3.59
C ASP A 138 -15.98 6.30 -3.45
N ASP A 139 -16.70 6.24 -4.58
CA ASP A 139 -18.10 6.69 -4.62
C ASP A 139 -19.04 5.79 -3.81
N SER A 140 -18.53 4.81 -3.06
CA SER A 140 -19.36 4.04 -2.16
C SER A 140 -19.63 4.76 -0.84
N TRP A 141 -18.93 5.85 -0.55
CA TRP A 141 -19.09 6.55 0.72
C TRP A 141 -20.05 7.72 0.57
N VAL A 142 -20.76 8.01 1.65
CA VAL A 142 -21.54 9.25 1.78
C VAL A 142 -20.63 10.30 2.41
N ALA A 143 -20.44 11.40 1.70
CA ALA A 143 -19.46 12.40 2.08
C ALA A 143 -20.15 13.56 2.79
N THR A 144 -19.44 14.12 3.78
CA THR A 144 -19.83 15.37 4.42
C THR A 144 -18.57 16.24 4.49
N THR A 145 -18.57 17.33 3.73
CA THR A 145 -17.38 18.15 3.58
C THR A 145 -17.51 19.45 4.38
N GLY A 146 -16.55 19.69 5.26
CA GLY A 146 -16.51 20.94 5.98
C GLY A 146 -15.84 22.02 5.17
N GLU A 147 -16.10 23.26 5.55
CA GLU A 147 -15.50 24.42 4.87
C GLU A 147 -14.03 24.60 5.27
N TRP A 148 -13.27 25.18 4.35
CA TRP A 148 -11.87 25.50 4.63
C TRP A 148 -11.75 26.50 5.77
N GLN A 149 -10.77 26.26 6.65
CA GLN A 149 -10.46 27.13 7.77
C GLN A 149 -8.98 27.50 7.73
N THR A 150 -8.61 28.53 8.47
CA THR A 150 -7.24 29.01 8.50
C THR A 150 -6.65 28.92 9.90
N SER A 151 -5.48 28.29 10.02
CA SER A 151 -4.80 28.17 11.30
C SER A 151 -4.05 29.46 11.62
N THR A 152 -3.64 29.59 12.88
CA THR A 152 -2.84 30.74 13.30
C THR A 152 -1.66 31.02 12.37
N SER A 153 -0.88 29.99 12.03
CA SER A 153 0.26 30.16 11.15
C SER A 153 -0.13 30.62 9.76
N GLY A 154 -1.38 30.44 9.36
CA GLY A 154 -1.83 30.71 8.02
C GLY A 154 -2.09 29.48 7.22
N LEU A 155 -1.74 28.30 7.74
CA LEU A 155 -2.00 27.06 7.02
C LEU A 155 -3.50 26.77 7.01
N ARG A 156 -4.04 26.43 5.84
CA ARG A 156 -5.46 26.21 5.68
C ARG A 156 -5.77 24.73 5.61
N PHE A 157 -6.87 24.32 6.25
CA PHE A 157 -7.21 22.94 6.51
C PHE A 157 -8.73 22.81 6.50
N ARG A 158 -9.22 21.57 6.54
CA ARG A 158 -10.66 21.37 6.62
C ARG A 158 -10.94 19.95 7.12
N PHE A 159 -12.08 19.79 7.82
CA PHE A 159 -12.53 18.50 8.31
C PHE A 159 -13.60 17.91 7.41
N CYS A 160 -13.46 16.62 7.08
CA CYS A 160 -14.41 15.91 6.23
C CYS A 160 -14.83 14.60 6.91
N SER A 161 -16.04 14.16 6.62
CA SER A 161 -16.60 12.94 7.19
C SER A 161 -17.11 12.04 6.09
N TYR A 162 -16.82 10.74 6.22
CA TYR A 162 -17.25 9.73 5.27
C TYR A 162 -17.88 8.58 6.04
N ARG A 163 -19.02 8.11 5.55
CA ARG A 163 -19.78 7.07 6.23
C ARG A 163 -20.33 6.10 5.19
N ARG A 164 -20.51 4.85 5.59
CA ARG A 164 -20.69 3.73 4.69
C ARG A 164 -21.81 2.82 5.17
N SER B 10 -10.07 -16.63 -11.91
CA SER B 10 -10.02 -16.31 -10.49
C SER B 10 -8.81 -15.46 -10.11
N MET B 11 -7.71 -15.60 -10.86
CA MET B 11 -6.49 -14.84 -10.59
C MET B 11 -6.46 -13.49 -11.31
N ARG B 12 -5.73 -12.55 -10.71
CA ARG B 12 -5.47 -11.24 -11.32
C ARG B 12 -3.98 -10.92 -11.24
N LEU B 13 -3.44 -10.35 -12.31
CA LEU B 13 -2.00 -10.15 -12.43
C LEU B 13 -1.65 -8.68 -12.66
N ILE B 14 -0.44 -8.30 -12.23
CA ILE B 14 0.08 -6.94 -12.36
C ILE B 14 1.57 -7.03 -12.66
N TRP B 15 2.03 -6.26 -13.66
CA TRP B 15 3.45 -6.24 -14.02
C TRP B 15 3.75 -4.99 -14.84
N ALA B 16 5.05 -4.69 -14.95
CA ALA B 16 5.56 -3.66 -15.84
C ALA B 16 6.54 -4.27 -16.85
N GLN B 17 6.59 -3.67 -18.04
CA GLN B 17 7.34 -4.26 -19.14
C GLN B 17 7.82 -3.18 -20.08
N SER B 18 8.97 -3.41 -20.70
CA SER B 18 9.34 -2.68 -21.90
C SER B 18 8.24 -2.84 -22.95
N THR B 19 8.17 -1.89 -23.89
CA THR B 19 7.24 -2.09 -24.97
C THR B 19 7.64 -3.24 -25.88
N SER B 20 8.84 -3.80 -25.69
CA SER B 20 9.29 -4.96 -26.44
C SER B 20 9.08 -6.27 -25.69
N GLY B 21 8.65 -6.25 -24.43
CA GLY B 21 8.23 -7.47 -23.78
C GLY B 21 9.04 -7.96 -22.60
N ILE B 22 9.97 -7.15 -22.10
CA ILE B 22 10.93 -7.57 -21.08
C ILE B 22 10.41 -7.14 -19.71
N ILE B 23 10.33 -8.09 -18.77
CA ILE B 23 10.01 -7.73 -17.39
C ILE B 23 11.22 -7.78 -16.47
N GLY B 24 12.30 -8.48 -16.85
CA GLY B 24 13.43 -8.62 -15.97
C GLY B 24 14.73 -9.01 -16.64
N ARG B 25 15.84 -8.42 -16.18
CA ARG B 25 17.18 -8.73 -16.65
C ARG B 25 18.13 -8.74 -15.47
N ASP B 26 19.00 -9.75 -15.45
CA ASP B 26 20.00 -9.94 -14.38
C ASP B 26 19.36 -10.00 -13.00
N ASN B 27 18.21 -10.70 -12.91
CA ASN B 27 17.44 -10.83 -11.68
C ASN B 27 17.11 -9.48 -11.04
N SER B 28 16.79 -8.51 -11.89
CA SER B 28 16.23 -7.24 -11.45
C SER B 28 15.38 -6.70 -12.59
N ILE B 29 14.78 -5.55 -12.37
CA ILE B 29 14.00 -4.85 -13.39
C ILE B 29 14.88 -3.76 -13.98
N PRO B 30 15.01 -3.69 -15.31
CA PRO B 30 15.98 -2.76 -15.94
C PRO B 30 15.42 -1.37 -16.22
N TRP B 31 14.94 -0.69 -15.18
CA TRP B 31 14.53 0.72 -15.24
C TRP B 31 14.04 1.11 -13.86
N ARG B 32 14.04 2.42 -13.61
CA ARG B 32 13.44 2.99 -12.41
C ARG B 32 12.28 3.87 -12.86
N LEU B 33 11.09 3.58 -12.33
CA LEU B 33 9.88 4.28 -12.74
C LEU B 33 9.07 4.56 -11.48
N PRO B 34 9.32 5.70 -10.82
CA PRO B 34 8.73 5.94 -9.51
C PRO B 34 7.21 5.94 -9.48
N GLU B 35 6.56 6.27 -10.61
CA GLU B 35 5.11 6.28 -10.61
C GLU B 35 4.56 4.86 -10.61
N ASP B 36 5.19 3.95 -11.36
CA ASP B 36 4.74 2.56 -11.36
C ASP B 36 4.98 1.93 -9.99
N LEU B 37 6.08 2.30 -9.31
CA LEU B 37 6.30 1.83 -7.94
C LEU B 37 5.20 2.31 -7.00
N ALA B 38 4.81 3.58 -7.10
CA ALA B 38 3.77 4.10 -6.23
C ALA B 38 2.43 3.41 -6.52
N ARG B 39 2.06 3.30 -7.81
CA ARG B 39 0.78 2.70 -8.13
C ARG B 39 0.75 1.23 -7.79
N PHE B 40 1.83 0.50 -8.09
CA PHE B 40 1.91 -0.89 -7.68
C PHE B 40 1.69 -1.01 -6.18
N LYS B 41 2.27 -0.09 -5.40
CA LYS B 41 2.15 -0.14 -3.95
C LYS B 41 0.75 0.19 -3.48
N GLU B 42 0.04 1.10 -4.16
CA GLU B 42 -1.32 1.44 -3.75
C GLU B 42 -2.32 0.35 -4.14
N MET B 43 -2.08 -0.37 -5.22
CA MET B 43 -3.00 -1.42 -5.64
C MET B 43 -2.89 -2.68 -4.78
N THR B 44 -1.68 -3.03 -4.33
CA THR B 44 -1.47 -4.29 -3.63
C THR B 44 -1.44 -4.16 -2.12
N MET B 45 -1.31 -2.95 -1.58
CA MET B 45 -1.24 -2.78 -0.14
C MET B 45 -2.51 -3.30 0.52
N GLY B 46 -2.35 -4.01 1.64
CA GLY B 46 -3.47 -4.61 2.32
C GLY B 46 -4.04 -5.85 1.68
N HIS B 47 -3.33 -6.46 0.74
CA HIS B 47 -3.77 -7.62 -0.01
C HIS B 47 -2.64 -8.62 -0.07
N PRO B 48 -2.96 -9.91 -0.27
CA PRO B 48 -1.89 -10.89 -0.49
C PRO B 48 -1.25 -10.71 -1.85
N VAL B 49 0.05 -10.92 -1.92
CA VAL B 49 0.82 -10.90 -3.15
C VAL B 49 1.49 -12.26 -3.33
N VAL B 50 1.26 -12.89 -4.47
CA VAL B 50 1.77 -14.23 -4.79
C VAL B 50 2.92 -14.06 -5.76
N MET B 51 4.08 -14.64 -5.43
CA MET B 51 5.26 -14.47 -6.26
C MET B 51 6.07 -15.77 -6.35
N GLY B 52 6.98 -15.80 -7.33
CA GLY B 52 7.89 -16.92 -7.48
C GLY B 52 9.17 -16.70 -6.71
N ARG B 53 9.99 -17.76 -6.69
CA ARG B 53 11.14 -17.77 -5.80
C ARG B 53 12.22 -16.80 -6.26
N LEU B 54 12.45 -16.68 -7.57
CA LEU B 54 13.51 -15.79 -8.02
C LEU B 54 13.14 -14.33 -7.86
N THR B 55 11.84 -14.02 -7.94
CA THR B 55 11.37 -12.68 -7.61
C THR B 55 11.56 -12.38 -6.12
N TRP B 56 11.23 -13.34 -5.25
CA TRP B 56 11.49 -13.17 -3.82
C TRP B 56 12.94 -12.77 -3.57
N GLU B 57 13.88 -13.48 -4.19
CA GLU B 57 15.27 -13.13 -3.94
C GLU B 57 15.73 -11.92 -4.74
N SER B 58 14.95 -11.45 -5.73
CA SER B 58 15.31 -10.23 -6.44
C SER B 58 14.88 -8.96 -5.72
N LEU B 59 14.06 -9.08 -4.68
CA LEU B 59 13.68 -7.90 -3.93
C LEU B 59 14.90 -7.31 -3.23
N PRO B 60 15.03 -5.99 -3.18
CA PRO B 60 16.03 -5.38 -2.29
C PRO B 60 15.70 -5.74 -0.86
N ALA B 61 16.77 -6.01 -0.08
CA ALA B 61 16.60 -6.56 1.26
C ALA B 61 15.62 -5.75 2.10
N SER B 62 15.66 -4.41 1.94
CA SER B 62 14.81 -3.54 2.76
C SER B 62 13.32 -3.85 2.60
N VAL B 63 12.90 -4.34 1.44
CA VAL B 63 11.49 -4.63 1.19
C VAL B 63 11.26 -6.13 1.06
N ARG B 64 12.10 -6.94 1.70
CA ARG B 64 11.87 -8.38 1.73
C ARG B 64 11.46 -8.77 3.16
N PRO B 65 10.19 -9.11 3.41
CA PRO B 65 9.09 -9.16 2.45
C PRO B 65 8.55 -7.77 2.18
N LEU B 66 7.72 -7.61 1.15
CA LEU B 66 7.13 -6.32 0.88
C LEU B 66 6.22 -5.92 2.05
N PRO B 67 6.31 -4.68 2.52
CA PRO B 67 5.65 -4.31 3.78
C PRO B 67 4.15 -4.15 3.61
N GLY B 68 3.41 -4.55 4.65
CA GLY B 68 1.97 -4.33 4.68
C GLY B 68 1.14 -5.26 3.81
N ARG B 69 1.73 -6.34 3.31
CA ARG B 69 1.05 -7.29 2.46
C ARG B 69 1.46 -8.69 2.88
N ARG B 70 0.51 -9.63 2.78
CA ARG B 70 0.79 -11.03 3.04
C ARG B 70 1.53 -11.62 1.84
N ASN B 71 2.78 -12.02 2.05
CA ASN B 71 3.62 -12.47 0.95
C ASN B 71 3.68 -13.98 0.88
N ILE B 72 3.46 -14.50 -0.31
CA ILE B 72 3.42 -15.93 -0.59
C ILE B 72 4.44 -16.21 -1.69
N VAL B 73 5.33 -17.17 -1.45
CA VAL B 73 6.40 -17.50 -2.38
C VAL B 73 6.16 -18.89 -2.93
N VAL B 74 6.11 -18.99 -4.25
CA VAL B 74 5.91 -20.27 -4.94
C VAL B 74 7.27 -20.90 -5.23
N THR B 75 7.43 -22.15 -4.82
CA THR B 75 8.66 -22.89 -5.06
C THR B 75 8.36 -24.38 -5.01
N ARG B 76 9.17 -25.15 -5.73
CA ARG B 76 9.03 -26.60 -5.72
C ARG B 76 9.63 -27.25 -4.47
N ASP B 77 10.51 -26.54 -3.77
CA ASP B 77 11.17 -27.03 -2.57
C ASP B 77 10.34 -26.61 -1.37
N ALA B 78 9.68 -27.58 -0.72
CA ALA B 78 8.76 -27.24 0.36
C ALA B 78 9.49 -26.79 1.62
N ASP B 79 10.74 -27.21 1.81
CA ASP B 79 11.53 -26.80 2.96
C ASP B 79 12.21 -25.46 2.75
N TYR B 80 11.90 -24.76 1.66
CA TYR B 80 12.57 -23.49 1.37
C TYR B 80 12.25 -22.48 2.48
N ARG B 81 13.27 -21.75 2.92
CA ARG B 81 13.17 -20.82 4.04
C ARG B 81 13.18 -19.38 3.52
N ALA B 82 12.08 -18.67 3.76
CA ALA B 82 11.95 -17.27 3.34
C ALA B 82 11.42 -16.50 4.55
N GLU B 83 12.33 -15.80 5.24
CA GLU B 83 12.00 -15.16 6.51
C GLU B 83 10.89 -14.13 6.33
N GLY B 84 9.76 -14.37 6.99
CA GLY B 84 8.63 -13.47 6.95
C GLY B 84 7.68 -13.65 5.78
N ALA B 85 7.76 -14.77 5.07
CA ALA B 85 6.84 -15.04 3.97
C ALA B 85 6.28 -16.45 4.11
N GLU B 86 5.11 -16.67 3.53
CA GLU B 86 4.56 -18.01 3.45
C GLU B 86 5.15 -18.72 2.23
N VAL B 87 5.48 -20.00 2.41
CA VAL B 87 6.06 -20.82 1.35
C VAL B 87 5.01 -21.82 0.89
N VAL B 88 4.79 -21.88 -0.42
CA VAL B 88 3.82 -22.80 -1.01
C VAL B 88 4.48 -23.43 -2.21
N THR B 89 3.97 -24.60 -2.62
CA THR B 89 4.56 -25.34 -3.72
C THR B 89 3.71 -25.30 -4.98
N ASP B 90 2.55 -24.66 -4.95
CA ASP B 90 1.73 -24.44 -6.14
C ASP B 90 1.04 -23.10 -6.02
N LEU B 91 0.38 -22.70 -7.11
CA LEU B 91 -0.34 -21.42 -7.10
C LEU B 91 -1.53 -21.51 -6.16
N PRO B 92 -1.63 -20.62 -5.17
CA PRO B 92 -2.71 -20.73 -4.18
C PRO B 92 -4.04 -20.21 -4.72
N ASP B 93 -5.10 -20.67 -4.09
CA ASP B 93 -6.45 -20.17 -4.38
C ASP B 93 -6.84 -19.13 -3.32
N GLU B 94 -6.01 -18.09 -3.22
CA GLU B 94 -6.23 -17.00 -2.28
C GLU B 94 -7.12 -15.95 -2.93
N PRO B 95 -8.26 -15.59 -2.33
CA PRO B 95 -9.26 -14.79 -3.04
C PRO B 95 -8.84 -13.35 -3.31
N ASP B 96 -7.94 -12.79 -2.50
CA ASP B 96 -7.61 -11.38 -2.58
C ASP B 96 -6.21 -11.11 -3.13
N ALA B 97 -5.57 -12.11 -3.71
CA ALA B 97 -4.19 -11.97 -4.14
C ALA B 97 -4.04 -11.11 -5.38
N TRP B 98 -2.87 -10.51 -5.52
CA TRP B 98 -2.35 -10.03 -6.79
C TRP B 98 -1.15 -10.91 -7.15
N VAL B 99 -1.07 -11.34 -8.40
CA VAL B 99 0.09 -12.12 -8.85
C VAL B 99 1.14 -11.13 -9.35
N ILE B 100 2.28 -11.06 -8.65
CA ILE B 100 3.24 -9.99 -8.89
C ILE B 100 4.52 -10.46 -9.57
N GLY B 101 4.53 -11.68 -10.13
CA GLY B 101 5.65 -12.16 -10.91
C GLY B 101 6.36 -13.32 -10.23
N GLY B 102 7.36 -13.85 -10.93
CA GLY B 102 7.82 -13.32 -12.20
C GLY B 102 7.30 -13.98 -13.47
N ALA B 103 8.19 -14.18 -14.44
CA ALA B 103 7.77 -14.61 -15.78
C ALA B 103 7.22 -16.03 -15.77
N GLN B 104 7.83 -16.92 -15.00
CA GLN B 104 7.30 -18.28 -14.87
C GLN B 104 5.95 -18.27 -14.16
N ILE B 105 5.84 -17.48 -13.09
CA ILE B 105 4.59 -17.43 -12.31
C ILE B 105 3.45 -16.87 -13.15
N TYR B 106 3.75 -15.89 -14.01
CA TYR B 106 2.72 -15.38 -14.92
C TYR B 106 2.27 -16.46 -15.90
N ALA B 107 3.22 -17.22 -16.46
CA ALA B 107 2.87 -18.22 -17.45
C ALA B 107 1.93 -19.28 -16.86
N MET B 108 2.19 -19.71 -15.62
CA MET B 108 1.29 -20.67 -15.00
C MET B 108 -0.07 -20.05 -14.69
N ALA B 109 -0.07 -18.78 -14.26
CA ALA B 109 -1.29 -18.15 -13.82
C ALA B 109 -2.20 -17.73 -14.97
N LEU B 110 -1.63 -17.57 -16.17
CA LEU B 110 -2.36 -17.01 -17.32
C LEU B 110 -3.69 -17.73 -17.54
N ALA B 111 -3.68 -19.05 -17.54
CA ALA B 111 -4.89 -19.78 -17.87
C ALA B 111 -6.03 -19.46 -16.89
N ARG B 112 -5.73 -19.20 -15.63
CA ARG B 112 -6.77 -18.97 -14.62
C ARG B 112 -7.02 -17.49 -14.36
N ALA B 113 -6.60 -16.59 -15.26
CA ALA B 113 -6.60 -15.16 -15.00
C ALA B 113 -7.69 -14.46 -15.82
N ASP B 114 -8.37 -13.50 -15.18
CA ASP B 114 -9.33 -12.66 -15.86
C ASP B 114 -9.00 -11.17 -15.86
N ARG B 115 -7.91 -10.74 -15.19
CA ARG B 115 -7.56 -9.33 -15.09
C ARG B 115 -6.05 -9.17 -15.16
N CYS B 116 -5.59 -8.16 -15.90
CA CYS B 116 -4.16 -7.89 -16.05
C CYS B 116 -3.95 -6.39 -15.99
N GLU B 117 -3.08 -5.94 -15.08
CA GLU B 117 -2.74 -4.53 -14.96
C GLU B 117 -1.28 -4.33 -15.34
N VAL B 118 -1.05 -3.72 -16.50
CA VAL B 118 0.24 -3.68 -17.15
C VAL B 118 0.71 -2.23 -17.24
N THR B 119 1.96 -2.01 -16.89
CA THR B 119 2.62 -0.74 -17.16
C THR B 119 3.53 -0.95 -18.35
N GLU B 120 3.48 -0.03 -19.31
CA GLU B 120 4.33 -0.08 -20.48
C GLU B 120 5.35 1.03 -20.43
N VAL B 121 6.60 0.70 -20.72
CA VAL B 121 7.73 1.65 -20.66
C VAL B 121 8.33 1.75 -22.04
N ASP B 122 8.41 2.96 -22.56
CA ASP B 122 8.95 3.22 -23.90
C ASP B 122 10.46 3.43 -23.75
N ILE B 123 11.21 2.33 -23.74
CA ILE B 123 12.64 2.37 -23.41
C ILE B 123 13.43 1.57 -24.44
N ALA B 124 14.65 2.03 -24.69
CA ALA B 124 15.62 1.33 -25.52
C ALA B 124 16.09 0.07 -24.83
N LEU B 125 15.37 -1.04 -25.04
CA LEU B 125 15.72 -2.34 -24.46
C LEU B 125 15.38 -3.42 -25.48
N THR B 126 16.39 -4.15 -25.95
CA THR B 126 16.15 -5.19 -26.96
C THR B 126 16.27 -6.57 -26.34
N PRO B 127 15.32 -7.47 -26.59
CA PRO B 127 15.27 -8.74 -25.87
C PRO B 127 16.50 -9.62 -26.13
N LEU B 128 16.95 -10.28 -25.07
CA LEU B 128 18.14 -11.11 -25.06
C LEU B 128 17.80 -12.51 -24.60
N ASP B 129 18.52 -13.48 -25.14
CA ASP B 129 18.47 -14.83 -24.60
C ASP B 129 18.80 -14.77 -23.12
N GLY B 130 17.82 -15.10 -22.28
CA GLY B 130 17.98 -15.05 -20.84
C GLY B 130 17.16 -13.97 -20.16
N ASP B 131 16.53 -13.07 -20.93
CA ASP B 131 15.61 -12.11 -20.36
C ASP B 131 14.37 -12.81 -19.83
N ALA B 132 13.73 -12.18 -18.85
CA ALA B 132 12.40 -12.61 -18.42
C ALA B 132 11.38 -11.84 -19.24
N ARG B 133 10.37 -12.54 -19.74
CA ARG B 133 9.46 -11.99 -20.74
C ARG B 133 8.06 -11.89 -20.19
N ALA B 134 7.39 -10.78 -20.52
CA ALA B 134 6.00 -10.58 -20.14
C ALA B 134 5.11 -11.54 -20.91
N PRO B 135 3.91 -11.83 -20.40
CA PRO B 135 2.97 -12.60 -21.21
C PRO B 135 2.49 -11.75 -22.39
N VAL B 136 2.17 -12.44 -23.47
CA VAL B 136 1.62 -11.83 -24.67
C VAL B 136 0.13 -12.12 -24.66
N LEU B 137 -0.69 -11.07 -24.62
CA LEU B 137 -2.13 -11.20 -24.48
C LEU B 137 -2.83 -11.22 -25.84
N ASP B 138 -3.70 -12.19 -26.04
CA ASP B 138 -4.34 -12.47 -27.31
C ASP B 138 -5.75 -11.84 -27.36
N ASP B 139 -6.46 -12.09 -28.47
CA ASP B 139 -7.76 -11.46 -28.69
C ASP B 139 -8.87 -11.93 -27.71
N SER B 140 -8.54 -12.72 -26.69
CA SER B 140 -9.51 -13.08 -25.67
C SER B 140 -9.70 -12.00 -24.61
N TRP B 141 -8.82 -11.02 -24.52
CA TRP B 141 -8.97 -9.96 -23.52
C TRP B 141 -9.59 -8.72 -24.15
N VAL B 142 -10.34 -8.01 -23.33
CA VAL B 142 -10.85 -6.68 -23.70
C VAL B 142 -9.77 -5.68 -23.30
N ALA B 143 -9.31 -4.89 -24.25
CA ALA B 143 -8.14 -4.06 -24.03
C ALA B 143 -8.53 -2.62 -23.75
N THR B 144 -7.82 -2.00 -22.81
CA THR B 144 -7.92 -0.58 -22.51
C THR B 144 -6.51 -0.02 -22.41
N THR B 145 -6.20 0.93 -23.28
CA THR B 145 -4.89 1.55 -23.37
C THR B 145 -4.93 2.91 -22.68
N GLY B 146 -4.00 3.14 -21.75
CA GLY B 146 -3.93 4.41 -21.07
C GLY B 146 -3.21 5.47 -21.87
N GLU B 147 -3.42 6.73 -21.48
CA GLU B 147 -2.73 7.82 -22.15
C GLU B 147 -1.25 7.81 -21.81
N TRP B 148 -0.44 8.20 -22.80
CA TRP B 148 0.99 8.32 -22.56
C TRP B 148 1.26 9.39 -21.52
N GLN B 149 2.17 9.09 -20.60
CA GLN B 149 2.64 10.04 -19.61
C GLN B 149 4.16 10.07 -19.64
N THR B 150 4.73 11.11 -19.04
CA THR B 150 6.17 11.29 -18.97
C THR B 150 6.59 11.31 -17.51
N SER B 151 7.56 10.47 -17.15
CA SER B 151 7.90 10.31 -15.75
C SER B 151 8.88 11.34 -15.21
N THR B 152 8.89 11.43 -13.88
CA THR B 152 9.91 12.17 -13.13
C THR B 152 11.28 11.81 -13.66
N SER B 153 11.46 10.51 -13.83
CA SER B 153 12.59 9.84 -14.45
C SER B 153 12.92 10.33 -15.84
N GLY B 154 11.92 10.83 -16.59
CA GLY B 154 12.09 11.17 -17.99
C GLY B 154 11.58 10.10 -18.94
N LEU B 155 11.31 8.91 -18.41
CA LEU B 155 10.80 7.79 -19.18
C LEU B 155 9.35 8.01 -19.56
N ARG B 156 8.99 7.48 -20.74
CA ARG B 156 7.65 7.59 -21.27
C ARG B 156 6.92 6.29 -20.97
N PHE B 157 5.73 6.40 -20.40
CA PHE B 157 5.06 5.22 -19.88
C PHE B 157 3.56 5.40 -19.98
N ARG B 158 2.83 4.31 -19.75
CA ARG B 158 1.38 4.33 -19.74
C ARG B 158 0.89 3.07 -19.04
N PHE B 159 -0.29 3.16 -18.43
CA PHE B 159 -0.93 2.02 -17.81
C PHE B 159 -1.99 1.47 -18.76
N CYS B 160 -2.03 0.15 -18.91
CA CYS B 160 -3.00 -0.50 -19.77
C CYS B 160 -3.72 -1.59 -18.98
N SER B 161 -5.01 -1.79 -19.29
CA SER B 161 -5.82 -2.74 -18.54
C SER B 161 -6.50 -3.72 -19.49
N TYR B 162 -6.52 -5.00 -19.08
CA TYR B 162 -7.12 -6.08 -19.84
C TYR B 162 -8.04 -6.89 -18.93
N ARG B 163 -9.22 -7.22 -19.44
CA ARG B 163 -10.24 -7.91 -18.65
C ARG B 163 -10.84 -9.03 -19.49
N ARG B 164 -11.34 -10.05 -18.79
CA ARG B 164 -11.67 -11.33 -19.42
C ARG B 164 -12.94 -11.99 -18.88
#